data_2Y5C
#
_entry.id   2Y5C
#
_cell.length_a   51.380
_cell.length_b   35.450
_cell.length_c   75.510
_cell.angle_alpha   90.00
_cell.angle_beta   105.13
_cell.angle_gamma   90.00
#
_symmetry.space_group_name_H-M   'P 1 21 1'
#
loop_
_entity.id
_entity.type
_entity.pdbx_description
1 polymer 'ADRENODOXIN-LIKE PROTEIN, MITOCHONDRIAL'
2 non-polymer 'FE2/S2 (INORGANIC) CLUSTER'
3 non-polymer 'SULFATE ION'
4 water water
#
_entity_poly.entity_id   1
_entity_poly.type   'polypeptide(L)'
_entity_poly.pdbx_seq_one_letter_code
;MASDVVNVVFVDRSGQRIPVSGRVGDNVLHLAQRHGVDLEGACEASLACSTCHVYVSEDHLDLLPPPEEREDDMLDMAPL
LQENSRLGCQIVLTPELEGAEFTLPKITR
;
_entity_poly.pdbx_strand_id   A,B
#
loop_
_chem_comp.id
_chem_comp.type
_chem_comp.name
_chem_comp.formula
FES non-polymer 'FE2/S2 (INORGANIC) CLUSTER' 'Fe2 S2'
SO4 non-polymer 'SULFATE ION' 'O4 S -2'
#
# COMPACT_ATOMS: atom_id res chain seq x y z
N SER A 3 -34.19 -0.81 4.56
CA SER A 3 -32.98 -1.71 4.50
C SER A 3 -31.86 -1.26 5.42
N ASP A 4 -31.04 -2.22 5.86
CA ASP A 4 -29.77 -1.92 6.50
C ASP A 4 -28.57 -1.95 5.53
N VAL A 5 -28.81 -2.24 4.25
CA VAL A 5 -27.74 -2.32 3.24
C VAL A 5 -27.26 -0.92 2.88
N VAL A 6 -25.95 -0.78 2.80
CA VAL A 6 -25.32 0.43 2.26
C VAL A 6 -24.22 -0.01 1.29
N ASN A 7 -24.47 0.21 0.02
CA ASN A 7 -23.48 -0.10 -1.02
C ASN A 7 -22.45 0.99 -1.12
N VAL A 8 -21.18 0.60 -1.14
CA VAL A 8 -20.09 1.54 -1.38
C VAL A 8 -19.12 0.96 -2.40
N VAL A 9 -18.15 1.75 -2.83
CA VAL A 9 -17.11 1.27 -3.75
C VAL A 9 -15.77 1.72 -3.21
N PHE A 10 -14.84 0.77 -3.07
CA PHE A 10 -13.45 1.07 -2.81
C PHE A 10 -12.70 1.09 -4.13
N VAL A 11 -11.85 2.09 -4.29
CA VAL A 11 -11.00 2.17 -5.45
C VAL A 11 -9.60 1.93 -4.94
N ASP A 12 -9.03 0.80 -5.32
CA ASP A 12 -7.71 0.41 -4.80
C ASP A 12 -6.58 1.24 -5.44
N ARG A 13 -5.37 1.04 -4.96
CA ARG A 13 -4.22 1.84 -5.40
C ARG A 13 -3.86 1.64 -6.88
N SER A 14 -4.29 0.52 -7.46
CA SER A 14 -4.10 0.29 -8.89
C SER A 14 -5.21 0.89 -9.75
N GLY A 15 -6.26 1.39 -9.13
CA GLY A 15 -7.39 2.00 -9.85
C GLY A 15 -8.57 1.06 -10.03
N GLN A 16 -8.44 -0.17 -9.52
CA GLN A 16 -9.53 -1.16 -9.58
C GLN A 16 -10.69 -0.80 -8.64
N ARG A 17 -11.90 -0.82 -9.17
CA ARG A 17 -13.08 -0.53 -8.37
C ARG A 17 -13.58 -1.82 -7.75
N ILE A 18 -13.86 -1.78 -6.46
CA ILE A 18 -14.26 -2.95 -5.70
C ILE A 18 -15.60 -2.62 -5.00
N PRO A 19 -16.72 -3.00 -5.61
CA PRO A 19 -18.00 -2.74 -4.98
C PRO A 19 -18.16 -3.60 -3.75
N VAL A 20 -18.68 -3.01 -2.67
CA VAL A 20 -18.91 -3.74 -1.42
C VAL A 20 -20.31 -3.44 -0.89
N SER A 21 -21.04 -4.51 -0.55
CA SER A 21 -22.34 -4.39 0.07
C SER A 21 -22.12 -4.35 1.58
N GLY A 22 -22.08 -3.14 2.12
CA GLY A 22 -21.91 -2.93 3.54
C GLY A 22 -23.25 -2.83 4.25
N ARG A 23 -23.17 -2.54 5.54
CA ARG A 23 -24.32 -2.38 6.40
C ARG A 23 -24.23 -1.09 7.22
N VAL A 24 -25.39 -0.51 7.53
CA VAL A 24 -25.44 0.65 8.41
C VAL A 24 -24.69 0.33 9.71
N GLY A 25 -23.81 1.24 10.10
CA GLY A 25 -22.99 1.06 11.30
C GLY A 25 -21.60 0.47 11.06
N ASP A 26 -21.35 -0.04 9.87
CA ASP A 26 -20.01 -0.59 9.55
C ASP A 26 -18.94 0.48 9.57
N ASN A 27 -17.77 0.15 10.13
CA ASN A 27 -16.61 1.01 10.06
C ASN A 27 -15.92 0.79 8.72
N VAL A 28 -15.62 1.88 8.01
CA VAL A 28 -15.11 1.79 6.64
C VAL A 28 -13.75 1.04 6.61
N LEU A 29 -12.89 1.29 7.60
CA LEU A 29 -11.61 0.60 7.68
C LEU A 29 -11.82 -0.90 7.82
N HIS A 30 -12.66 -1.28 8.78
CA HIS A 30 -12.90 -2.68 9.07
C HIS A 30 -13.58 -3.37 7.89
N LEU A 31 -14.50 -2.66 7.23
CA LEU A 31 -15.19 -3.19 6.06
C LEU A 31 -14.21 -3.47 4.91
N ALA A 32 -13.29 -2.53 4.67
CA ALA A 32 -12.31 -2.69 3.62
C ALA A 32 -11.49 -3.97 3.87
N GLN A 33 -11.09 -4.15 5.12
CA GLN A 33 -10.26 -5.28 5.50
C GLN A 33 -10.99 -6.61 5.36
N ARG A 34 -12.30 -6.60 5.60
CA ARG A 34 -13.14 -7.78 5.39
C ARG A 34 -13.27 -8.21 3.93
N HIS A 35 -13.05 -7.27 3.01
CA HIS A 35 -13.25 -7.50 1.59
C HIS A 35 -11.96 -7.46 0.74
N GLY A 36 -10.83 -7.74 1.40
CA GLY A 36 -9.57 -7.86 0.69
C GLY A 36 -9.00 -6.57 0.14
N VAL A 37 -9.46 -5.43 0.65
CA VAL A 37 -8.93 -4.14 0.24
C VAL A 37 -7.80 -3.77 1.20
N ASP A 38 -6.66 -3.37 0.65
CA ASP A 38 -5.43 -3.16 1.44
C ASP A 38 -5.38 -1.77 2.07
N LEU A 39 -6.42 -1.45 2.84
CA LEU A 39 -6.45 -0.26 3.65
C LEU A 39 -6.02 -0.67 5.05
N GLU A 40 -4.85 -0.23 5.48
N GLU A 40 -4.86 -0.14 5.45
CA GLU A 40 -4.33 -0.64 6.79
CA GLU A 40 -4.18 -0.44 6.72
C GLU A 40 -4.54 0.43 7.82
C GLU A 40 -4.73 0.46 7.82
N GLY A 41 -4.72 -0.01 9.06
CA GLY A 41 -5.06 0.85 10.20
C GLY A 41 -4.03 0.61 11.29
N ALA A 42 -2.87 1.23 11.14
CA ALA A 42 -1.72 0.96 11.99
C ALA A 42 -2.03 1.15 13.47
N CYS A 43 -2.79 2.20 13.80
CA CYS A 43 -3.06 2.52 15.21
C CYS A 43 -4.39 1.97 15.70
N GLU A 44 -5.05 1.16 14.88
CA GLU A 44 -6.30 0.48 15.26
C GLU A 44 -7.38 1.49 15.62
N ALA A 45 -7.53 2.49 14.77
CA ALA A 45 -8.61 3.46 14.87
C ALA A 45 -8.52 4.34 16.13
N SER A 46 -7.31 4.79 16.45
CA SER A 46 -7.06 5.63 17.63
C SER A 46 -6.57 7.06 17.31
N LEU A 47 -6.78 7.51 16.06
CA LEU A 47 -6.39 8.86 15.63
C LEU A 47 -4.91 9.18 15.93
N ALA A 48 -4.05 8.18 15.71
CA ALA A 48 -2.63 8.30 15.99
C ALA A 48 -1.78 7.86 14.81
N CYS A 49 -2.40 7.74 13.63
CA CYS A 49 -1.66 7.46 12.41
C CYS A 49 -2.44 8.03 11.24
N SER A 50 -1.95 7.84 10.03
CA SER A 50 -2.75 8.24 8.88
C SER A 50 -2.81 7.14 7.83
N THR A 51 -2.57 5.90 8.24
CA THR A 51 -2.49 4.82 7.27
C THR A 51 -3.86 4.52 6.63
N CYS A 52 -4.94 4.87 7.33
CA CYS A 52 -6.33 4.64 6.87
C CYS A 52 -6.90 5.75 5.97
N HIS A 53 -6.02 6.68 5.62
CA HIS A 53 -6.33 7.78 4.73
C HIS A 53 -7.05 7.30 3.48
N VAL A 54 -8.20 7.92 3.22
CA VAL A 54 -8.90 7.73 1.95
C VAL A 54 -9.39 9.04 1.37
N TYR A 55 -9.66 9.04 0.07
CA TYR A 55 -10.37 10.14 -0.57
C TYR A 55 -11.85 9.75 -0.69
N VAL A 56 -12.74 10.64 -0.24
CA VAL A 56 -14.18 10.41 -0.27
C VAL A 56 -14.79 11.15 -1.42
N SER A 57 -15.69 10.48 -2.16
CA SER A 57 -16.39 11.11 -3.26
C SER A 57 -17.01 12.45 -2.82
N GLU A 58 -16.80 13.47 -3.65
CA GLU A 58 -17.17 14.84 -3.32
C GLU A 58 -18.63 15.03 -2.93
N ASP A 59 -19.52 14.30 -3.60
CA ASP A 59 -20.95 14.31 -3.31
C ASP A 59 -21.33 13.79 -1.91
N HIS A 60 -20.44 13.06 -1.25
CA HIS A 60 -20.73 12.52 0.08
C HIS A 60 -19.91 13.15 1.19
N LEU A 61 -18.89 13.91 0.84
CA LEU A 61 -17.98 14.48 1.82
C LEU A 61 -18.69 15.30 2.92
N ASP A 62 -19.68 16.13 2.54
CA ASP A 62 -20.40 17.02 3.45
C ASP A 62 -21.49 16.30 4.27
N LEU A 63 -21.66 15.00 4.04
CA LEU A 63 -22.58 14.19 4.83
C LEU A 63 -21.90 13.45 5.99
N LEU A 64 -20.57 13.57 6.08
CA LEU A 64 -19.76 12.94 7.14
C LEU A 64 -19.64 13.83 8.34
N PRO A 65 -19.39 13.24 9.52
CA PRO A 65 -19.10 14.05 10.71
C PRO A 65 -17.90 14.93 10.45
N PRO A 66 -17.91 16.15 11.00
CA PRO A 66 -16.74 17.02 10.85
C PRO A 66 -15.53 16.37 11.51
N PRO A 67 -14.35 16.52 10.89
CA PRO A 67 -13.21 15.84 11.51
C PRO A 67 -12.89 16.43 12.89
N GLU A 68 -12.46 15.57 13.81
CA GLU A 68 -11.81 15.99 15.04
C GLU A 68 -10.51 16.77 14.72
N GLU A 69 -10.06 17.60 15.65
CA GLU A 69 -8.76 18.28 15.45
C GLU A 69 -7.62 17.26 15.27
N ARG A 70 -7.64 16.16 16.03
CA ARG A 70 -6.62 15.11 15.85
C ARG A 70 -6.61 14.51 14.44
N GLU A 71 -7.79 14.38 13.82
CA GLU A 71 -7.84 13.88 12.45
C GLU A 71 -7.15 14.87 11.52
N ASP A 72 -7.44 16.17 11.70
CA ASP A 72 -6.78 17.21 10.88
C ASP A 72 -5.26 17.14 11.05
N ASP A 73 -4.82 16.93 12.29
CA ASP A 73 -3.38 16.84 12.61
C ASP A 73 -2.72 15.66 11.90
N MET A 74 -3.39 14.51 11.93
CA MET A 74 -2.87 13.31 11.28
C MET A 74 -2.87 13.45 9.76
N LEU A 75 -3.96 13.99 9.20
CA LEU A 75 -4.03 14.19 7.75
C LEU A 75 -3.00 15.21 7.24
N ASP A 76 -2.71 16.23 8.02
CA ASP A 76 -1.69 17.21 7.62
C ASP A 76 -0.33 16.56 7.38
N MET A 77 -0.07 15.45 8.07
CA MET A 77 1.18 14.70 7.89
C MET A 77 1.17 13.70 6.74
N ALA A 78 -0.02 13.44 6.18
CA ALA A 78 -0.19 12.36 5.21
C ALA A 78 0.31 12.80 3.84
N PRO A 79 1.00 11.90 3.13
CA PRO A 79 1.32 12.19 1.73
C PRO A 79 0.06 12.27 0.86
N LEU A 80 0.14 13.08 -0.20
CA LEU A 80 -0.95 13.16 -1.22
C LEU A 80 -2.31 13.54 -0.63
N LEU A 81 -2.25 14.54 0.25
CA LEU A 81 -3.45 15.09 0.85
C LEU A 81 -4.30 15.81 -0.18
N GLN A 82 -5.62 15.59 -0.10
CA GLN A 82 -6.57 16.30 -0.96
C GLN A 82 -7.66 16.97 -0.14
N GLU A 83 -8.43 17.84 -0.79
CA GLU A 83 -9.56 18.50 -0.12
C GLU A 83 -10.56 17.49 0.42
N ASN A 84 -10.66 16.33 -0.23
CA ASN A 84 -11.62 15.29 0.11
C ASN A 84 -11.02 14.13 0.91
N SER A 85 -9.82 14.34 1.44
CA SER A 85 -9.19 13.34 2.34
C SER A 85 -9.89 13.23 3.68
N ARG A 86 -10.06 11.99 4.14
CA ARG A 86 -10.53 11.67 5.48
C ARG A 86 -9.79 10.42 5.98
N LEU A 87 -9.81 10.23 7.29
CA LEU A 87 -9.32 9.00 7.89
C LEU A 87 -10.43 7.98 7.83
N GLY A 88 -10.19 6.89 7.11
CA GLY A 88 -11.20 5.85 6.95
C GLY A 88 -11.76 5.26 8.23
N CYS A 89 -10.94 5.18 9.28
CA CYS A 89 -11.37 4.60 10.53
C CYS A 89 -12.40 5.48 11.26
N GLN A 90 -12.55 6.73 10.81
CA GLN A 90 -13.50 7.68 11.39
C GLN A 90 -14.85 7.68 10.68
N ILE A 91 -14.98 6.88 9.61
CA ILE A 91 -16.19 6.83 8.80
C ILE A 91 -17.03 5.59 9.13
N VAL A 92 -18.29 5.81 9.51
CA VAL A 92 -19.23 4.73 9.76
C VAL A 92 -20.37 4.84 8.75
N LEU A 93 -20.75 3.72 8.15
CA LEU A 93 -21.77 3.73 7.11
C LEU A 93 -23.14 4.13 7.62
N THR A 94 -23.81 4.99 6.84
CA THR A 94 -25.20 5.36 7.02
C THR A 94 -25.88 5.33 5.65
N PRO A 95 -27.22 5.37 5.62
CA PRO A 95 -27.87 5.43 4.31
C PRO A 95 -27.44 6.59 3.42
N GLU A 96 -26.96 7.67 4.03
CA GLU A 96 -26.50 8.84 3.29
C GLU A 96 -25.20 8.58 2.50
N LEU A 97 -24.49 7.51 2.85
CA LEU A 97 -23.26 7.11 2.13
C LEU A 97 -23.48 6.02 1.08
N GLU A 98 -24.74 5.74 0.78
CA GLU A 98 -25.07 4.87 -0.33
C GLU A 98 -24.40 5.42 -1.60
N GLY A 99 -23.59 4.58 -2.22
CA GLY A 99 -22.89 4.90 -3.46
C GLY A 99 -21.57 5.64 -3.26
N ALA A 100 -21.17 5.89 -2.00
CA ALA A 100 -19.93 6.61 -1.72
C ALA A 100 -18.75 5.82 -2.27
N GLU A 101 -17.73 6.54 -2.70
CA GLU A 101 -16.51 5.93 -3.21
C GLU A 101 -15.38 6.37 -2.32
N PHE A 102 -14.60 5.39 -1.89
CA PHE A 102 -13.45 5.59 -1.02
C PHE A 102 -12.22 5.18 -1.80
N THR A 103 -11.41 6.14 -2.20
CA THR A 103 -10.23 5.87 -3.04
C THR A 103 -9.01 5.81 -2.15
N LEU A 104 -8.26 4.74 -2.27
CA LEU A 104 -7.00 4.60 -1.57
C LEU A 104 -5.93 5.47 -2.26
N PRO A 105 -5.26 6.33 -1.49
CA PRO A 105 -4.17 7.15 -2.08
C PRO A 105 -2.99 6.29 -2.49
N LYS A 106 -2.20 6.75 -3.47
CA LYS A 106 -1.13 5.93 -4.03
C LYS A 106 -0.08 5.55 -3.00
N ILE A 107 0.19 6.45 -2.06
CA ILE A 107 1.26 6.29 -1.06
C ILE A 107 0.71 6.55 0.34
N THR A 108 1.12 5.74 1.31
CA THR A 108 0.76 5.92 2.73
C THR A 108 1.97 6.30 3.57
N ARG A 109 1.76 6.87 4.75
CA ARG A 109 2.89 7.46 5.51
C ARG A 109 3.87 6.42 6.10
N SER B 3 -0.79 -23.01 3.84
CA SER B 3 -1.07 -21.56 3.64
C SER B 3 -0.49 -20.98 2.36
N ASP B 4 -1.18 -20.01 1.78
CA ASP B 4 -0.66 -19.21 0.67
C ASP B 4 -0.05 -17.89 1.14
N VAL B 5 0.01 -17.68 2.46
CA VAL B 5 0.53 -16.42 3.04
C VAL B 5 2.06 -16.44 3.01
N VAL B 6 2.63 -15.32 2.61
CA VAL B 6 4.07 -15.07 2.68
C VAL B 6 4.22 -13.66 3.27
N ASN B 7 4.70 -13.61 4.50
CA ASN B 7 4.98 -12.35 5.19
C ASN B 7 6.34 -11.82 4.80
N VAL B 8 6.39 -10.54 4.46
CA VAL B 8 7.64 -9.88 4.18
C VAL B 8 7.66 -8.52 4.89
N VAL B 9 8.80 -7.84 4.81
CA VAL B 9 8.92 -6.51 5.38
C VAL B 9 9.56 -5.59 4.34
N PHE B 10 8.91 -4.45 4.09
CA PHE B 10 9.57 -3.38 3.36
C PHE B 10 10.19 -2.41 4.35
N VAL B 11 11.39 -1.95 4.03
CA VAL B 11 12.01 -0.90 4.84
C VAL B 11 12.04 0.34 3.95
N ASP B 12 11.32 1.39 4.35
CA ASP B 12 11.22 2.58 3.50
C ASP B 12 12.47 3.44 3.63
N ARG B 13 12.52 4.51 2.85
CA ARG B 13 13.74 5.31 2.72
C ARG B 13 14.10 6.05 4.01
N SER B 14 13.11 6.22 4.88
CA SER B 14 13.34 6.81 6.20
C SER B 14 13.88 5.79 7.21
N GLY B 15 13.81 4.51 6.85
CA GLY B 15 14.20 3.44 7.74
C GLY B 15 13.03 2.78 8.45
N GLN B 16 11.80 3.24 8.21
N GLN B 16 11.80 3.24 8.20
CA GLN B 16 10.63 2.64 8.82
CA GLN B 16 10.63 2.64 8.81
C GLN B 16 10.37 1.23 8.27
C GLN B 16 10.36 1.23 8.27
N ARG B 17 10.17 0.28 9.18
CA ARG B 17 9.85 -1.11 8.79
C ARG B 17 8.35 -1.25 8.62
N ILE B 18 7.96 -1.83 7.49
CA ILE B 18 6.57 -1.97 7.07
C ILE B 18 6.29 -3.44 6.79
N PRO B 19 5.76 -4.15 7.80
CA PRO B 19 5.39 -5.52 7.56
C PRO B 19 4.21 -5.61 6.62
N VAL B 20 4.27 -6.53 5.68
CA VAL B 20 3.20 -6.77 4.72
C VAL B 20 2.91 -8.26 4.60
N SER B 21 1.63 -8.63 4.70
CA SER B 21 1.22 -10.01 4.49
C SER B 21 0.89 -10.20 3.01
N GLY B 22 1.81 -10.80 2.28
CA GLY B 22 1.58 -11.15 0.89
C GLY B 22 1.10 -12.57 0.69
N ARG B 23 1.07 -12.95 -0.57
CA ARG B 23 0.62 -14.25 -1.00
C ARG B 23 1.59 -14.83 -2.01
N VAL B 24 1.73 -16.16 -1.98
CA VAL B 24 2.56 -16.88 -2.93
C VAL B 24 2.16 -16.41 -4.32
N GLY B 25 3.16 -16.10 -5.13
CA GLY B 25 2.94 -15.64 -6.52
C GLY B 25 2.86 -14.12 -6.70
N ASP B 26 2.75 -13.39 -5.59
CA ASP B 26 2.71 -11.93 -5.66
C ASP B 26 4.04 -11.34 -6.16
N ASN B 27 3.95 -10.38 -7.07
CA ASN B 27 5.08 -9.59 -7.49
C ASN B 27 5.47 -8.57 -6.41
N VAL B 28 6.76 -8.52 -6.05
CA VAL B 28 7.23 -7.63 -4.95
C VAL B 28 6.95 -6.14 -5.25
N LEU B 29 7.19 -5.68 -6.47
CA LEU B 29 6.80 -4.30 -6.84
C LEU B 29 5.30 -4.11 -6.71
N HIS B 30 4.52 -5.02 -7.28
CA HIS B 30 3.08 -4.84 -7.27
C HIS B 30 2.53 -4.88 -5.84
N LEU B 31 3.08 -5.75 -5.01
CA LEU B 31 2.68 -5.82 -3.60
C LEU B 31 2.98 -4.51 -2.86
N ALA B 32 4.19 -3.96 -3.02
CA ALA B 32 4.53 -2.64 -2.49
C ALA B 32 3.52 -1.60 -2.96
N GLN B 33 3.21 -1.60 -4.24
CA GLN B 33 2.28 -0.59 -4.78
C GLN B 33 0.90 -0.75 -4.17
N ARG B 34 0.41 -1.99 -4.06
CA ARG B 34 -0.91 -2.22 -3.47
C ARG B 34 -1.01 -1.72 -2.03
N HIS B 35 0.09 -1.84 -1.30
CA HIS B 35 0.16 -1.44 0.11
C HIS B 35 0.59 0.01 0.35
N GLY B 36 0.81 0.78 -0.71
CA GLY B 36 1.11 2.20 -0.58
C GLY B 36 2.56 2.49 -0.19
N VAL B 37 3.42 1.52 -0.39
CA VAL B 37 4.88 1.70 -0.17
C VAL B 37 5.40 2.45 -1.41
N ASP B 38 6.26 3.44 -1.21
CA ASP B 38 6.73 4.27 -2.34
C ASP B 38 7.88 3.62 -3.12
N LEU B 39 7.63 2.42 -3.63
CA LEU B 39 8.52 1.77 -4.59
C LEU B 39 7.89 1.98 -5.95
N GLU B 40 8.61 2.71 -6.81
CA GLU B 40 8.11 3.11 -8.10
C GLU B 40 8.49 2.06 -9.13
N GLY B 41 7.64 1.89 -10.15
CA GLY B 41 7.90 0.94 -11.24
C GLY B 41 7.76 1.64 -12.57
N ALA B 42 8.72 2.50 -12.90
CA ALA B 42 8.60 3.45 -14.04
C ALA B 42 8.33 2.75 -15.38
N CYS B 43 9.00 1.63 -15.62
CA CYS B 43 8.83 0.92 -16.89
C CYS B 43 7.76 -0.15 -16.85
N GLU B 44 6.98 -0.22 -15.77
CA GLU B 44 5.91 -1.21 -15.61
C GLU B 44 6.45 -2.64 -15.72
N ALA B 45 7.55 -2.90 -15.01
CA ALA B 45 8.10 -4.24 -14.91
C ALA B 45 8.57 -4.81 -16.26
N SER B 46 9.24 -3.96 -17.05
CA SER B 46 9.74 -4.27 -18.40
C SER B 46 11.26 -4.47 -18.47
N LEU B 47 11.92 -4.64 -17.32
CA LEU B 47 13.39 -4.69 -17.23
C LEU B 47 14.08 -3.57 -18.00
N ALA B 48 13.57 -2.36 -17.82
CA ALA B 48 14.00 -1.22 -18.61
C ALA B 48 14.07 0.06 -17.79
N CYS B 49 14.15 -0.06 -16.48
CA CYS B 49 14.44 1.06 -15.59
C CYS B 49 15.11 0.47 -14.35
N SER B 50 15.41 1.30 -13.36
CA SER B 50 15.85 0.74 -12.09
C SER B 50 15.15 1.37 -10.90
N THR B 51 13.95 1.89 -11.12
CA THR B 51 13.23 2.58 -10.06
C THR B 51 12.74 1.59 -8.99
N CYS B 52 12.59 0.32 -9.37
CA CYS B 52 12.11 -0.73 -8.45
C CYS B 52 13.24 -1.44 -7.66
N HIS B 53 14.46 -0.91 -7.79
CA HIS B 53 15.64 -1.35 -7.03
C HIS B 53 15.35 -1.44 -5.54
N VAL B 54 15.63 -2.62 -4.98
CA VAL B 54 15.58 -2.88 -3.57
C VAL B 54 16.83 -3.67 -3.15
N TYR B 55 17.18 -3.58 -1.88
CA TYR B 55 18.16 -4.45 -1.25
C TYR B 55 17.44 -5.63 -0.62
N VAL B 56 17.87 -6.85 -0.95
CA VAL B 56 17.21 -8.06 -0.43
C VAL B 56 18.01 -8.62 0.72
N SER B 57 17.32 -9.03 1.77
CA SER B 57 17.97 -9.66 2.92
C SER B 57 18.91 -10.78 2.43
N GLU B 58 20.16 -10.73 2.90
CA GLU B 58 21.24 -11.62 2.38
C GLU B 58 20.89 -13.11 2.45
N ASP B 59 20.18 -13.52 3.49
CA ASP B 59 19.73 -14.91 3.68
C ASP B 59 18.75 -15.42 2.64
N HIS B 60 18.14 -14.50 1.89
CA HIS B 60 17.18 -14.87 0.86
C HIS B 60 17.71 -14.69 -0.56
N LEU B 61 18.88 -14.06 -0.74
CA LEU B 61 19.39 -13.80 -2.10
C LEU B 61 19.53 -15.06 -2.97
N ASP B 62 20.07 -16.13 -2.40
CA ASP B 62 20.33 -17.36 -3.15
C ASP B 62 19.04 -18.13 -3.52
N LEU B 63 17.92 -17.74 -2.94
CA LEU B 63 16.64 -18.38 -3.22
C LEU B 63 15.88 -17.68 -4.35
N LEU B 64 16.43 -16.60 -4.87
CA LEU B 64 15.75 -15.79 -5.90
C LEU B 64 16.14 -16.30 -7.30
N PRO B 65 15.28 -16.03 -8.30
CA PRO B 65 15.69 -16.40 -9.67
C PRO B 65 16.90 -15.60 -10.06
N PRO B 66 17.81 -16.22 -10.83
CA PRO B 66 19.00 -15.51 -11.26
C PRO B 66 18.62 -14.28 -12.12
N PRO B 67 19.33 -13.16 -11.94
CA PRO B 67 18.98 -11.98 -12.76
C PRO B 67 19.18 -12.21 -14.24
N GLU B 68 18.27 -11.67 -15.05
CA GLU B 68 18.51 -11.64 -16.49
C GLU B 68 19.65 -10.67 -16.76
N GLU B 69 20.24 -10.79 -17.93
CA GLU B 69 21.28 -9.86 -18.33
C GLU B 69 20.78 -8.40 -18.28
N ARG B 70 19.53 -8.17 -18.68
CA ARG B 70 18.97 -6.79 -18.65
C ARG B 70 18.90 -6.23 -17.23
N GLU B 71 18.58 -7.09 -16.27
CA GLU B 71 18.55 -6.67 -14.88
C GLU B 71 19.94 -6.22 -14.45
N ASP B 72 20.95 -7.01 -14.78
CA ASP B 72 22.32 -6.63 -14.42
C ASP B 72 22.66 -5.29 -15.05
N ASP B 73 22.25 -5.09 -16.30
CA ASP B 73 22.52 -3.82 -17.00
C ASP B 73 21.85 -2.62 -16.30
N MET B 74 20.59 -2.80 -15.88
CA MET B 74 19.84 -1.71 -15.25
C MET B 74 20.41 -1.39 -13.88
N LEU B 75 20.75 -2.43 -13.13
CA LEU B 75 21.27 -2.24 -11.78
C LEU B 75 22.65 -1.59 -11.81
N ASP B 76 23.43 -1.90 -12.83
CA ASP B 76 24.78 -1.28 -12.96
C ASP B 76 24.69 0.26 -13.02
N MET B 77 23.59 0.80 -13.56
CA MET B 77 23.37 2.26 -13.66
C MET B 77 22.72 2.90 -12.42
N ALA B 78 22.26 2.07 -11.49
CA ALA B 78 21.53 2.54 -10.31
C ALA B 78 22.47 3.18 -9.28
N PRO B 79 22.07 4.33 -8.71
CA PRO B 79 22.79 4.86 -7.54
C PRO B 79 22.73 3.91 -6.33
N LEU B 80 23.77 3.94 -5.49
CA LEU B 80 23.79 3.21 -4.23
C LEU B 80 23.60 1.70 -4.42
N LEU B 81 24.32 1.15 -5.41
CA LEU B 81 24.26 -0.28 -5.68
C LEU B 81 24.96 -1.09 -4.59
N GLN B 82 24.34 -2.20 -4.22
CA GLN B 82 24.92 -3.13 -3.25
C GLN B 82 25.00 -4.55 -3.79
N GLU B 83 25.74 -5.44 -3.13
CA GLU B 83 25.83 -6.84 -3.56
C GLU B 83 24.48 -7.55 -3.46
N ASN B 84 23.59 -7.05 -2.59
CA ASN B 84 22.26 -7.61 -2.40
C ASN B 84 21.18 -6.80 -3.13
N SER B 85 21.58 -5.98 -4.10
CA SER B 85 20.62 -5.24 -4.94
C SER B 85 19.92 -6.17 -5.94
N ARG B 86 18.60 -6.01 -6.07
CA ARG B 86 17.80 -6.64 -7.13
C ARG B 86 16.73 -5.67 -7.60
N LEU B 87 16.16 -5.93 -8.75
CA LEU B 87 15.01 -5.20 -9.21
C LEU B 87 13.77 -5.85 -8.64
N GLY B 88 13.02 -5.08 -7.86
CA GLY B 88 11.84 -5.63 -7.16
C GLY B 88 10.80 -6.26 -8.06
N CYS B 89 10.66 -5.75 -9.27
CA CYS B 89 9.68 -6.31 -10.22
C CYS B 89 10.03 -7.67 -10.79
N GLN B 90 11.23 -8.16 -10.49
CA GLN B 90 11.65 -9.50 -10.93
C GLN B 90 11.49 -10.56 -9.83
N ILE B 91 10.96 -10.15 -8.68
CA ILE B 91 10.87 -11.03 -7.50
C ILE B 91 9.41 -11.42 -7.24
N VAL B 92 9.13 -12.72 -7.22
CA VAL B 92 7.77 -13.20 -6.94
C VAL B 92 7.82 -14.01 -5.63
N LEU B 93 6.86 -13.79 -4.75
CA LEU B 93 6.87 -14.44 -3.45
C LEU B 93 6.60 -15.94 -3.53
N THR B 94 7.32 -16.66 -2.68
CA THR B 94 7.23 -18.08 -2.52
C THR B 94 7.41 -18.31 -1.02
N PRO B 95 7.06 -19.49 -0.54
CA PRO B 95 7.27 -19.79 0.87
C PRO B 95 8.74 -19.61 1.32
N GLU B 96 9.67 -19.74 0.38
CA GLU B 96 11.10 -19.56 0.67
C GLU B 96 11.47 -18.12 1.02
N LEU B 97 10.62 -17.16 0.69
CA LEU B 97 10.87 -15.76 0.98
C LEU B 97 10.10 -15.29 2.21
N GLU B 98 9.52 -16.20 2.95
CA GLU B 98 8.94 -15.85 4.25
C GLU B 98 9.96 -15.09 5.10
N GLY B 99 9.58 -13.89 5.54
CA GLY B 99 10.43 -13.05 6.37
C GLY B 99 11.48 -12.26 5.61
N ALA B 100 11.47 -12.33 4.28
CA ALA B 100 12.40 -11.54 3.48
C ALA B 100 12.18 -10.05 3.73
N GLU B 101 13.26 -9.29 3.72
CA GLU B 101 13.19 -7.82 3.87
C GLU B 101 13.67 -7.19 2.58
N PHE B 102 12.91 -6.20 2.11
CA PHE B 102 13.21 -5.46 0.89
C PHE B 102 13.39 -4.02 1.30
N THR B 103 14.64 -3.55 1.29
CA THR B 103 14.98 -2.19 1.72
C THR B 103 15.00 -1.28 0.52
N LEU B 104 14.25 -0.18 0.61
CA LEU B 104 14.30 0.83 -0.44
C LEU B 104 15.59 1.68 -0.31
N PRO B 105 16.35 1.81 -1.40
CA PRO B 105 17.59 2.62 -1.34
C PRO B 105 17.25 4.08 -1.15
N LYS B 106 18.16 4.82 -0.54
CA LYS B 106 17.90 6.21 -0.17
C LYS B 106 17.65 7.10 -1.39
N ILE B 107 18.25 6.74 -2.51
CA ILE B 107 18.21 7.51 -3.74
C ILE B 107 17.83 6.56 -4.86
N THR B 108 16.88 6.98 -5.68
CA THR B 108 16.40 6.14 -6.77
C THR B 108 16.60 6.90 -8.10
N ARG B 109 17.04 6.19 -9.14
CA ARG B 109 17.35 6.80 -10.45
C ARG B 109 16.08 7.30 -11.16
FE1 FES C . -4.84 5.12 12.71
FE2 FES C . -7.23 5.50 11.35
S1 FES C . -6.03 6.98 12.46
S2 FES C . -6.24 3.60 11.86
S SO4 D . -17.32 -2.98 12.10
O1 SO4 D . -18.62 -3.48 12.58
O2 SO4 D . -16.85 -1.94 13.00
O3 SO4 D . -17.49 -2.52 10.71
O4 SO4 D . -16.36 -4.09 12.12
FE1 FES E . 11.37 -2.94 -12.47
FE2 FES E . 11.32 -1.03 -14.38
S1 FES E . 12.79 -2.68 -14.11
S2 FES E . 9.75 -1.51 -12.87
S SO4 F . 0.73 -9.52 -8.67
O1 SO4 F . -0.22 -8.43 -8.87
O2 SO4 F . 1.38 -9.34 -7.38
O3 SO4 F . 1.68 -9.52 -9.79
O4 SO4 F . -0.03 -10.78 -8.72
#